data_5WXE
#
_entry.id   5WXE
#
_entity_poly.entity_id   1
_entity_poly.type   'polypeptide(L)'
_entity_poly.pdbx_seq_one_letter_code
;QLCLLCQTSRDCNYIIWTVCRDGCCNIS
;
_entity_poly.pdbx_strand_id   A
#
# COMPACT_ATOMS: atom_id res chain seq x y z
N GLN A 1 7.63 -8.06 3.68
CA GLN A 1 6.56 -7.07 3.42
C GLN A 1 7.12 -5.77 2.87
N LEU A 2 6.24 -4.80 2.61
CA LEU A 2 6.66 -3.51 2.08
C LEU A 2 6.04 -2.37 2.88
N CYS A 3 6.40 -1.14 2.53
CA CYS A 3 5.87 0.04 3.20
C CYS A 3 6.05 1.28 2.34
N LEU A 4 5.42 1.28 1.17
CA LEU A 4 5.51 2.40 0.25
C LEU A 4 4.51 3.50 0.65
N LEU A 5 4.94 4.75 0.53
CA LEU A 5 4.09 5.89 0.87
C LEU A 5 2.70 5.76 0.24
N CYS A 6 1.68 5.68 1.09
CA CYS A 6 0.31 5.56 0.62
C CYS A 6 -0.59 6.58 1.30
N GLN A 7 -1.73 6.87 0.67
CA GLN A 7 -2.68 7.84 1.23
C GLN A 7 -3.93 7.16 1.77
N THR A 8 -4.55 6.33 0.94
CA THR A 8 -5.75 5.60 1.34
C THR A 8 -5.49 4.10 1.44
N SER A 9 -6.57 3.32 1.46
CA SER A 9 -6.46 1.87 1.55
C SER A 9 -5.81 1.29 0.30
N ARG A 10 -5.97 1.96 -0.82
CA ARG A 10 -5.40 1.50 -2.08
C ARG A 10 -5.11 2.67 -3.02
N ASP A 11 -4.18 3.53 -2.61
CA ASP A 11 -3.80 4.68 -3.42
C ASP A 11 -2.52 4.40 -4.19
N CYS A 12 -2.27 3.12 -4.47
CA CYS A 12 -1.08 2.71 -5.22
C CYS A 12 -1.44 2.10 -6.56
N ASN A 13 -2.59 1.43 -6.60
CA ASN A 13 -3.06 0.81 -7.84
C ASN A 13 -2.04 -0.20 -8.37
N TYR A 14 -1.24 -0.77 -7.47
CA TYR A 14 -0.23 -1.74 -7.85
C TYR A 14 -0.80 -3.16 -7.82
N ILE A 15 -0.01 -4.11 -8.32
CA ILE A 15 -0.44 -5.50 -8.36
C ILE A 15 -0.08 -6.22 -7.06
N ILE A 16 1.22 -6.22 -6.74
CA ILE A 16 1.68 -6.88 -5.52
C ILE A 16 1.71 -5.92 -4.34
N TRP A 17 0.99 -4.80 -4.45
CA TRP A 17 0.93 -3.81 -3.38
C TRP A 17 -0.42 -3.10 -3.39
N THR A 18 -1.39 -3.67 -2.68
CA THR A 18 -2.73 -3.08 -2.60
C THR A 18 -3.16 -2.86 -1.16
N VAL A 19 -2.46 -3.47 -0.21
CA VAL A 19 -2.79 -3.32 1.20
C VAL A 19 -2.04 -2.14 1.80
N CYS A 20 -2.72 -1.00 1.89
CA CYS A 20 -2.10 0.20 2.45
C CYS A 20 -2.30 0.29 3.96
N ARG A 21 -1.21 0.51 4.67
CA ARG A 21 -1.24 0.64 6.12
C ARG A 21 -1.12 2.10 6.50
N ASP A 22 -0.70 2.38 7.74
CA ASP A 22 -0.55 3.75 8.20
C ASP A 22 0.33 4.55 7.23
N GLY A 23 -0.31 5.13 6.21
CA GLY A 23 0.41 5.90 5.22
C GLY A 23 1.44 5.06 4.48
N CYS A 24 1.20 3.76 4.40
CA CYS A 24 2.11 2.85 3.71
C CYS A 24 1.38 1.95 2.73
N CYS A 25 2.15 1.27 1.88
CA CYS A 25 1.59 0.37 0.87
C CYS A 25 2.32 -0.97 0.91
N ASN A 26 1.56 -2.06 0.86
CA ASN A 26 2.14 -3.40 0.89
C ASN A 26 1.16 -4.43 0.36
N ILE A 27 1.63 -5.67 0.22
CA ILE A 27 0.80 -6.75 -0.28
C ILE A 27 -0.11 -7.30 0.81
N SER A 28 0.37 -7.28 2.05
CA SER A 28 -0.40 -7.78 3.19
C SER A 28 -0.11 -6.95 4.45
N GLN A 1 7.77 -8.18 3.52
CA GLN A 1 6.68 -7.21 3.27
C GLN A 1 7.22 -5.92 2.66
N LEU A 2 6.34 -4.93 2.50
CA LEU A 2 6.74 -3.65 1.93
C LEU A 2 6.06 -2.49 2.66
N CYS A 3 6.39 -1.27 2.27
CA CYS A 3 5.80 -0.09 2.89
C CYS A 3 5.96 1.13 1.96
N LEU A 4 5.31 1.07 0.81
CA LEU A 4 5.37 2.15 -0.15
C LEU A 4 4.41 3.28 0.24
N LEU A 5 4.86 4.52 0.09
CA LEU A 5 4.06 5.69 0.44
C LEU A 5 2.62 5.56 -0.09
N CYS A 6 1.66 5.60 0.83
CA CYS A 6 0.24 5.50 0.46
C CYS A 6 -0.58 6.56 1.19
N GLN A 7 -1.77 6.83 0.67
CA GLN A 7 -2.66 7.83 1.27
C GLN A 7 -3.96 7.20 1.74
N THR A 8 -4.46 6.23 1.00
CA THR A 8 -5.71 5.55 1.35
C THR A 8 -5.51 4.04 1.43
N SER A 9 -6.62 3.30 1.41
CA SER A 9 -6.56 1.84 1.49
C SER A 9 -5.88 1.26 0.26
N ARG A 10 -5.95 1.98 -0.86
CA ARG A 10 -5.33 1.52 -2.10
C ARG A 10 -5.07 2.69 -3.05
N ASP A 11 -4.41 3.73 -2.54
CA ASP A 11 -4.10 4.90 -3.34
C ASP A 11 -2.87 4.65 -4.22
N CYS A 12 -2.14 3.58 -3.90
CA CYS A 12 -0.95 3.22 -4.65
C CYS A 12 -1.32 2.50 -5.96
N ASN A 13 -2.36 1.67 -5.88
CA ASN A 13 -2.83 0.93 -7.04
C ASN A 13 -1.71 0.10 -7.68
N TYR A 14 -0.96 -0.61 -6.84
CA TYR A 14 0.14 -1.43 -7.33
C TYR A 14 -0.36 -2.85 -7.62
N ILE A 15 0.57 -3.72 -8.02
CA ILE A 15 0.22 -5.10 -8.32
C ILE A 15 0.34 -5.98 -7.08
N ILE A 16 1.57 -6.13 -6.58
CA ILE A 16 1.81 -6.93 -5.39
C ILE A 16 1.72 -6.09 -4.11
N TRP A 17 1.04 -4.95 -4.20
CA TRP A 17 0.89 -4.06 -3.06
C TRP A 17 -0.46 -3.35 -3.12
N THR A 18 -1.48 -3.98 -2.56
CA THR A 18 -2.83 -3.41 -2.54
C THR A 18 -3.29 -3.08 -1.12
N VAL A 19 -2.62 -3.67 -0.13
CA VAL A 19 -2.97 -3.42 1.27
C VAL A 19 -2.18 -2.25 1.83
N CYS A 20 -2.83 -1.08 1.91
CA CYS A 20 -2.18 0.12 2.42
C CYS A 20 -2.35 0.24 3.93
N ARG A 21 -1.25 0.57 4.59
CA ARG A 21 -1.26 0.74 6.04
C ARG A 21 -1.14 2.22 6.38
N ASP A 22 -0.71 2.53 7.61
CA ASP A 22 -0.56 3.92 8.02
C ASP A 22 0.32 4.70 7.05
N GLY A 23 -0.30 5.20 5.98
CA GLY A 23 0.43 5.94 4.98
C GLY A 23 1.40 5.08 4.21
N CYS A 24 1.10 3.78 4.12
CA CYS A 24 1.96 2.84 3.40
C CYS A 24 1.15 1.94 2.46
N CYS A 25 1.86 1.24 1.59
CA CYS A 25 1.25 0.32 0.63
C CYS A 25 2.05 -0.97 0.54
N ASN A 26 1.39 -2.09 0.83
CA ASN A 26 2.05 -3.39 0.78
C ASN A 26 1.10 -4.48 0.30
N ILE A 27 1.58 -5.72 0.33
CA ILE A 27 0.78 -6.86 -0.11
C ILE A 27 -0.22 -7.29 0.97
N SER A 28 0.20 -7.17 2.22
CA SER A 28 -0.63 -7.54 3.35
C SER A 28 0.06 -7.25 4.67
N GLN A 1 8.32 -7.62 4.32
CA GLN A 1 7.25 -6.76 3.74
C GLN A 1 7.83 -5.54 3.05
N LEU A 2 6.96 -4.67 2.54
CA LEU A 2 7.39 -3.46 1.86
C LEU A 2 6.26 -2.43 1.83
N CYS A 3 6.22 -1.56 2.85
CA CYS A 3 5.20 -0.54 2.93
C CYS A 3 5.67 0.75 2.24
N LEU A 4 5.20 0.95 1.02
CA LEU A 4 5.56 2.14 0.25
C LEU A 4 4.74 3.33 0.70
N LEU A 5 4.82 4.43 -0.03
CA LEU A 5 4.08 5.64 0.31
C LEU A 5 2.62 5.52 -0.11
N CYS A 6 1.71 5.67 0.84
CA CYS A 6 0.28 5.58 0.56
C CYS A 6 -0.52 6.60 1.37
N GLN A 7 -1.73 6.91 0.90
CA GLN A 7 -2.59 7.87 1.57
C GLN A 7 -3.92 7.24 1.95
N THR A 8 -4.43 6.36 1.10
CA THR A 8 -5.69 5.69 1.34
C THR A 8 -5.51 4.18 1.46
N SER A 9 -6.60 3.43 1.35
CA SER A 9 -6.55 1.98 1.45
C SER A 9 -5.88 1.37 0.23
N ARG A 10 -5.96 2.06 -0.91
CA ARG A 10 -5.35 1.59 -2.14
C ARG A 10 -4.99 2.76 -3.06
N ASP A 11 -4.08 3.60 -2.59
CA ASP A 11 -3.64 4.76 -3.37
C ASP A 11 -2.35 4.44 -4.13
N CYS A 12 -2.15 3.16 -4.42
CA CYS A 12 -0.96 2.72 -5.14
C CYS A 12 -1.33 2.01 -6.44
N ASN A 13 -2.56 1.49 -6.50
CA ASN A 13 -3.05 0.80 -7.69
C ASN A 13 -2.03 -0.21 -8.22
N TYR A 14 -1.20 -0.74 -7.32
CA TYR A 14 -0.20 -1.72 -7.70
C TYR A 14 -0.75 -3.14 -7.60
N ILE A 15 -0.04 -4.10 -8.18
CA ILE A 15 -0.47 -5.49 -8.15
C ILE A 15 0.09 -6.22 -6.93
N ILE A 16 1.38 -6.04 -6.69
CA ILE A 16 2.03 -6.69 -5.55
C ILE A 16 1.94 -5.84 -4.28
N TRP A 17 1.17 -4.75 -4.36
CA TRP A 17 1.01 -3.86 -3.22
C TRP A 17 -0.32 -3.10 -3.31
N THR A 18 -1.36 -3.66 -2.71
CA THR A 18 -2.68 -3.05 -2.73
C THR A 18 -3.22 -2.82 -1.31
N VAL A 19 -2.60 -3.46 -0.32
CA VAL A 19 -3.02 -3.30 1.07
C VAL A 19 -2.27 -2.16 1.74
N CYS A 20 -2.92 -1.01 1.86
CA CYS A 20 -2.29 0.15 2.46
C CYS A 20 -2.53 0.20 3.96
N ARG A 21 -1.46 0.46 4.70
CA ARG A 21 -1.53 0.57 6.15
C ARG A 21 -1.13 1.99 6.58
N ASP A 22 -0.54 2.13 7.76
CA ASP A 22 -0.12 3.43 8.27
C ASP A 22 0.54 4.28 7.18
N GLY A 23 -0.28 5.00 6.43
CA GLY A 23 0.23 5.86 5.36
C GLY A 23 1.18 5.14 4.42
N CYS A 24 1.05 3.82 4.33
CA CYS A 24 1.92 3.04 3.44
C CYS A 24 1.14 2.02 2.63
N CYS A 25 1.79 1.50 1.58
CA CYS A 25 1.16 0.51 0.70
C CYS A 25 1.96 -0.80 0.72
N ASN A 26 1.26 -1.91 0.94
CA ASN A 26 1.90 -3.21 0.97
C ASN A 26 1.00 -4.28 0.36
N ILE A 27 1.46 -5.53 0.38
CA ILE A 27 0.70 -6.64 -0.17
C ILE A 27 -0.29 -7.20 0.86
N SER A 28 0.13 -7.22 2.11
CA SER A 28 -0.70 -7.74 3.20
C SER A 28 -0.17 -7.31 4.56
N GLN A 1 8.31 -7.91 3.48
CA GLN A 1 7.18 -7.00 3.15
C GLN A 1 7.69 -5.67 2.59
N LEU A 2 6.77 -4.84 2.11
CA LEU A 2 7.12 -3.55 1.55
C LEU A 2 6.22 -2.45 2.12
N CYS A 3 6.83 -1.35 2.54
CA CYS A 3 6.08 -0.23 3.10
C CYS A 3 6.28 1.03 2.25
N LEU A 4 5.41 1.22 1.27
CA LEU A 4 5.49 2.38 0.39
C LEU A 4 4.49 3.46 0.82
N LEU A 5 4.93 4.71 0.78
CA LEU A 5 4.06 5.84 1.16
C LEU A 5 2.70 5.74 0.48
N CYS A 6 1.65 5.72 1.28
CA CYS A 6 0.28 5.64 0.76
C CYS A 6 -0.59 6.74 1.35
N GLN A 7 -1.72 7.01 0.69
CA GLN A 7 -2.64 8.05 1.16
C GLN A 7 -3.96 7.44 1.62
N THR A 8 -4.37 6.36 0.98
CA THR A 8 -5.62 5.69 1.33
C THR A 8 -5.43 4.17 1.42
N SER A 9 -6.54 3.44 1.40
CA SER A 9 -6.49 1.98 1.49
C SER A 9 -5.84 1.37 0.26
N ARG A 10 -5.95 2.06 -0.87
CA ARG A 10 -5.38 1.58 -2.12
C ARG A 10 -5.04 2.74 -3.05
N ASP A 11 -4.09 3.56 -2.65
CA ASP A 11 -3.66 4.70 -3.45
C ASP A 11 -2.40 4.37 -4.23
N CYS A 12 -2.20 3.09 -4.53
CA CYS A 12 -1.03 2.63 -5.26
C CYS A 12 -1.43 1.98 -6.58
N ASN A 13 -2.58 1.30 -6.58
CA ASN A 13 -3.09 0.63 -7.77
C ASN A 13 -2.08 -0.40 -8.30
N TYR A 14 -1.24 -0.92 -7.41
CA TYR A 14 -0.25 -1.91 -7.79
C TYR A 14 -0.81 -3.32 -7.67
N ILE A 15 -0.10 -4.29 -8.23
CA ILE A 15 -0.53 -5.68 -8.17
C ILE A 15 -0.05 -6.35 -6.89
N ILE A 16 1.24 -6.25 -6.62
CA ILE A 16 1.82 -6.85 -5.41
C ILE A 16 1.80 -5.87 -4.23
N TRP A 17 1.08 -4.76 -4.39
CA TRP A 17 0.99 -3.77 -3.32
C TRP A 17 -0.35 -3.03 -3.38
N THR A 18 -1.35 -3.58 -2.71
CA THR A 18 -2.68 -2.98 -2.69
C THR A 18 -3.17 -2.75 -1.26
N VAL A 19 -2.52 -3.40 -0.30
CA VAL A 19 -2.90 -3.24 1.11
C VAL A 19 -2.15 -2.10 1.75
N CYS A 20 -2.79 -0.94 1.84
CA CYS A 20 -2.17 0.23 2.43
C CYS A 20 -2.42 0.31 3.93
N ARG A 21 -1.36 0.58 4.67
CA ARG A 21 -1.45 0.70 6.12
C ARG A 21 -1.36 2.16 6.51
N ASP A 22 -1.00 2.44 7.77
CA ASP A 22 -0.89 3.81 8.25
C ASP A 22 0.04 4.62 7.34
N GLY A 23 -0.52 5.15 6.26
CA GLY A 23 0.27 5.93 5.32
C GLY A 23 1.31 5.08 4.60
N CYS A 24 1.03 3.79 4.46
CA CYS A 24 1.95 2.88 3.79
C CYS A 24 1.23 1.99 2.77
N CYS A 25 2.01 1.29 1.96
CA CYS A 25 1.49 0.39 0.93
C CYS A 25 2.20 -0.95 0.98
N ASN A 26 1.42 -2.03 0.96
CA ASN A 26 1.99 -3.37 1.00
C ASN A 26 1.06 -4.38 0.34
N ILE A 27 1.46 -5.65 0.35
CA ILE A 27 0.68 -6.71 -0.24
C ILE A 27 -0.33 -7.27 0.77
N SER A 28 0.06 -7.30 2.03
CA SER A 28 -0.81 -7.82 3.09
C SER A 28 -0.13 -7.70 4.45
N GLN A 1 6.97 -7.86 3.63
CA GLN A 1 6.04 -6.71 3.58
C GLN A 1 6.77 -5.42 3.22
N LEU A 2 6.16 -4.63 2.33
CA LEU A 2 6.76 -3.36 1.91
C LEU A 2 6.20 -2.19 2.71
N CYS A 3 6.47 -0.98 2.25
CA CYS A 3 5.99 0.21 2.93
C CYS A 3 6.01 1.41 1.98
N LEU A 4 5.28 1.30 0.87
CA LEU A 4 5.21 2.38 -0.11
C LEU A 4 4.24 3.46 0.34
N LEU A 5 4.74 4.70 0.43
CA LEU A 5 3.92 5.83 0.86
C LEU A 5 2.59 5.88 0.09
N CYS A 6 1.49 5.85 0.84
CA CYS A 6 0.17 5.91 0.23
C CYS A 6 -0.80 6.70 1.12
N GLN A 7 -1.96 7.05 0.56
CA GLN A 7 -2.96 7.82 1.30
C GLN A 7 -4.13 6.93 1.71
N THR A 8 -4.92 6.52 0.72
CA THR A 8 -6.08 5.68 0.97
C THR A 8 -5.68 4.21 1.09
N SER A 9 -6.66 3.35 1.25
CA SER A 9 -6.42 1.91 1.38
C SER A 9 -5.77 1.35 0.12
N ARG A 10 -5.86 2.08 -0.98
CA ARG A 10 -5.29 1.63 -2.24
C ARG A 10 -5.02 2.80 -3.18
N ASP A 11 -4.18 3.74 -2.74
CA ASP A 11 -3.83 4.89 -3.54
C ASP A 11 -2.47 4.69 -4.22
N CYS A 12 -2.14 3.43 -4.46
CA CYS A 12 -0.87 3.09 -5.09
C CYS A 12 -1.08 2.48 -6.47
N ASN A 13 -2.22 1.80 -6.65
CA ASN A 13 -2.56 1.19 -7.93
C ASN A 13 -1.55 0.10 -8.30
N TYR A 14 -0.95 -0.52 -7.29
CA TYR A 14 0.02 -1.58 -7.54
C TYR A 14 -0.66 -2.94 -7.60
N ILE A 15 0.07 -3.93 -8.12
CA ILE A 15 -0.46 -5.28 -8.24
C ILE A 15 -0.19 -6.09 -6.98
N ILE A 16 1.09 -6.18 -6.60
CA ILE A 16 1.48 -6.91 -5.41
C ILE A 16 1.49 -6.01 -4.17
N TRP A 17 0.82 -4.86 -4.26
CA TRP A 17 0.75 -3.93 -3.15
C TRP A 17 -0.59 -3.21 -3.13
N THR A 18 -1.56 -3.83 -2.47
CA THR A 18 -2.90 -3.26 -2.36
C THR A 18 -3.31 -3.02 -0.92
N VAL A 19 -2.57 -3.60 0.02
CA VAL A 19 -2.86 -3.44 1.44
C VAL A 19 -2.12 -2.24 2.00
N CYS A 20 -2.82 -1.11 2.10
CA CYS A 20 -2.21 0.11 2.62
C CYS A 20 -2.21 0.14 4.14
N ARG A 21 -1.03 0.34 4.71
CA ARG A 21 -0.88 0.42 6.16
C ARG A 21 -0.75 1.88 6.56
N ASP A 22 -0.21 2.13 7.74
CA ASP A 22 -0.04 3.50 8.21
C ASP A 22 0.68 4.35 7.16
N GLY A 23 -0.08 4.94 6.25
CA GLY A 23 0.49 5.75 5.20
C GLY A 23 1.47 4.98 4.34
N CYS A 24 1.35 3.65 4.35
CA CYS A 24 2.23 2.80 3.56
C CYS A 24 1.45 1.82 2.68
N CYS A 25 2.14 1.23 1.72
CA CYS A 25 1.53 0.27 0.80
C CYS A 25 2.27 -1.06 0.84
N ASN A 26 1.52 -2.16 0.95
CA ASN A 26 2.13 -3.48 1.01
C ASN A 26 1.11 -4.56 0.65
N ILE A 27 1.62 -5.79 0.48
CA ILE A 27 0.76 -6.92 0.13
C ILE A 27 0.03 -7.46 1.35
N SER A 28 0.71 -7.45 2.50
CA SER A 28 0.13 -7.94 3.74
C SER A 28 -0.29 -9.40 3.61
N GLN A 1 7.58 -7.97 2.64
CA GLN A 1 6.63 -6.88 2.98
C GLN A 1 7.25 -5.51 2.76
N LEU A 2 6.69 -4.75 1.82
CA LEU A 2 7.18 -3.41 1.51
C LEU A 2 6.06 -2.39 1.57
N CYS A 3 6.12 -1.50 2.55
CA CYS A 3 5.11 -0.46 2.71
C CYS A 3 5.59 0.86 2.14
N LEU A 4 5.21 1.14 0.89
CA LEU A 4 5.59 2.38 0.23
C LEU A 4 4.69 3.51 0.70
N LEU A 5 4.82 4.68 0.08
CA LEU A 5 4.01 5.84 0.44
C LEU A 5 2.56 5.64 0.01
N CYS A 6 1.64 5.85 0.94
CA CYS A 6 0.20 5.70 0.67
C CYS A 6 -0.63 6.67 1.49
N GLN A 7 -1.84 6.95 1.01
CA GLN A 7 -2.75 7.86 1.71
C GLN A 7 -4.10 7.19 1.97
N THR A 8 -4.56 6.39 1.01
CA THR A 8 -5.83 5.69 1.13
C THR A 8 -5.61 4.19 1.32
N SER A 9 -6.65 3.40 1.04
CA SER A 9 -6.56 1.95 1.19
C SER A 9 -5.76 1.34 0.04
N ARG A 10 -5.82 1.97 -1.13
CA ARG A 10 -5.10 1.48 -2.30
C ARG A 10 -4.65 2.65 -3.17
N ASP A 11 -3.78 3.49 -2.63
CA ASP A 11 -3.26 4.64 -3.36
C ASP A 11 -2.15 4.24 -4.32
N CYS A 12 -1.55 3.08 -4.07
CA CYS A 12 -0.47 2.58 -4.91
C CYS A 12 -1.02 1.95 -6.18
N ASN A 13 -2.23 1.39 -6.08
CA ASN A 13 -2.88 0.75 -7.22
C ASN A 13 -1.97 -0.28 -7.87
N TYR A 14 -1.05 -0.84 -7.09
CA TYR A 14 -0.13 -1.85 -7.61
C TYR A 14 -0.70 -3.25 -7.41
N ILE A 15 -0.03 -4.24 -8.00
CA ILE A 15 -0.48 -5.63 -7.90
C ILE A 15 0.12 -6.29 -6.67
N ILE A 16 1.39 -6.02 -6.41
CA ILE A 16 2.08 -6.60 -5.25
C ILE A 16 1.93 -5.72 -4.01
N TRP A 17 1.23 -4.60 -4.15
CA TRP A 17 1.03 -3.67 -3.03
C TRP A 17 -0.33 -3.00 -3.13
N THR A 18 -1.35 -3.65 -2.59
CA THR A 18 -2.72 -3.11 -2.61
C THR A 18 -3.24 -2.85 -1.20
N VAL A 19 -2.64 -3.50 -0.21
CA VAL A 19 -3.06 -3.33 1.18
C VAL A 19 -2.29 -2.18 1.83
N CYS A 20 -2.94 -1.03 1.94
CA CYS A 20 -2.28 0.13 2.53
C CYS A 20 -2.44 0.17 4.04
N ARG A 21 -1.34 0.42 4.73
CA ARG A 21 -1.32 0.50 6.18
C ARG A 21 -1.04 1.95 6.60
N ASP A 22 -0.44 2.13 7.78
CA ASP A 22 -0.12 3.46 8.28
C ASP A 22 0.51 4.33 7.20
N GLY A 23 -0.33 5.01 6.41
CA GLY A 23 0.15 5.87 5.36
C GLY A 23 1.11 5.18 4.40
N CYS A 24 0.94 3.87 4.22
CA CYS A 24 1.81 3.12 3.32
C CYS A 24 1.04 2.06 2.55
N CYS A 25 1.63 1.57 1.46
CA CYS A 25 1.01 0.53 0.63
C CYS A 25 1.84 -0.74 0.64
N ASN A 26 1.20 -1.86 0.97
CA ASN A 26 1.88 -3.14 1.01
C ASN A 26 1.00 -4.25 0.44
N ILE A 27 1.51 -5.48 0.47
CA ILE A 27 0.77 -6.61 -0.06
C ILE A 27 -0.22 -7.15 0.96
N SER A 28 0.22 -7.27 2.21
CA SER A 28 -0.62 -7.76 3.28
C SER A 28 0.07 -7.63 4.63
N GLN A 1 8.14 -8.01 3.39
CA GLN A 1 7.05 -7.03 3.14
C GLN A 1 7.59 -5.70 2.62
N LEU A 2 6.71 -4.87 2.08
CA LEU A 2 7.10 -3.57 1.55
C LEU A 2 6.21 -2.46 2.09
N CYS A 3 6.82 -1.39 2.58
CA CYS A 3 6.09 -0.26 3.14
C CYS A 3 6.30 0.99 2.29
N LEU A 4 5.42 1.20 1.31
CA LEU A 4 5.52 2.36 0.44
C LEU A 4 4.50 3.43 0.83
N LEU A 5 4.92 4.69 0.80
CA LEU A 5 4.04 5.80 1.16
C LEU A 5 2.69 5.69 0.44
N CYS A 6 1.62 5.67 1.21
CA CYS A 6 0.27 5.56 0.64
C CYS A 6 -0.61 6.69 1.15
N GLN A 7 -1.72 6.94 0.45
CA GLN A 7 -2.66 7.99 0.83
C GLN A 7 -3.96 7.42 1.35
N THR A 8 -4.36 6.27 0.82
CA THR A 8 -5.60 5.62 1.24
C THR A 8 -5.42 4.10 1.36
N SER A 9 -6.54 3.38 1.40
CA SER A 9 -6.50 1.93 1.51
C SER A 9 -5.77 1.30 0.33
N ARG A 10 -5.87 1.94 -0.84
CA ARG A 10 -5.20 1.43 -2.04
C ARG A 10 -4.97 2.55 -3.04
N ASP A 11 -4.11 3.50 -2.67
CA ASP A 11 -3.79 4.63 -3.55
C ASP A 11 -2.50 4.36 -4.32
N CYS A 12 -2.21 3.08 -4.54
CA CYS A 12 -1.01 2.68 -5.25
C CYS A 12 -1.35 2.05 -6.59
N ASN A 13 -2.53 1.45 -6.67
CA ASN A 13 -2.99 0.81 -7.90
C ASN A 13 -2.03 -0.31 -8.34
N TYR A 14 -1.21 -0.79 -7.42
CA TYR A 14 -0.26 -1.85 -7.73
C TYR A 14 -0.88 -3.22 -7.49
N ILE A 15 -0.27 -4.24 -8.08
CA ILE A 15 -0.77 -5.61 -7.93
C ILE A 15 -0.13 -6.29 -6.73
N ILE A 16 1.16 -6.04 -6.53
CA ILE A 16 1.89 -6.62 -5.40
C ILE A 16 1.83 -5.72 -4.17
N TRP A 17 1.14 -4.58 -4.29
CA TRP A 17 1.01 -3.65 -3.17
C TRP A 17 -0.33 -2.94 -3.22
N THR A 18 -1.34 -3.55 -2.61
CA THR A 18 -2.69 -2.98 -2.60
C THR A 18 -3.18 -2.75 -1.17
N VAL A 19 -2.54 -3.40 -0.20
CA VAL A 19 -2.93 -3.25 1.20
C VAL A 19 -2.15 -2.10 1.84
N CYS A 20 -2.79 -0.93 1.93
CA CYS A 20 -2.14 0.23 2.50
C CYS A 20 -2.39 0.33 4.00
N ARG A 21 -1.33 0.61 4.75
CA ARG A 21 -1.42 0.75 6.19
C ARG A 21 -1.33 2.23 6.57
N ASP A 22 -0.95 2.52 7.81
CA ASP A 22 -0.84 3.90 8.27
C ASP A 22 0.08 4.69 7.34
N GLY A 23 -0.49 5.20 6.24
CA GLY A 23 0.30 5.95 5.28
C GLY A 23 1.31 5.09 4.57
N CYS A 24 1.04 3.79 4.48
CA CYS A 24 1.95 2.86 3.82
C CYS A 24 1.22 1.99 2.80
N CYS A 25 2.01 1.29 1.98
CA CYS A 25 1.48 0.41 0.95
C CYS A 25 2.20 -0.94 0.97
N ASN A 26 1.42 -2.03 1.04
CA ASN A 26 1.98 -3.37 1.08
C ASN A 26 1.06 -4.37 0.40
N ILE A 27 1.53 -5.61 0.29
CA ILE A 27 0.75 -6.67 -0.33
C ILE A 27 -0.29 -7.23 0.62
N SER A 28 0.12 -7.47 1.86
CA SER A 28 -0.78 -8.01 2.88
C SER A 28 -0.06 -8.11 4.23
N GLN A 1 8.15 -7.17 4.14
CA GLN A 1 6.99 -6.48 3.54
C GLN A 1 7.36 -5.09 3.03
N LEU A 2 6.86 -4.74 1.86
CA LEU A 2 7.14 -3.44 1.27
C LEU A 2 6.27 -2.35 1.89
N CYS A 3 6.88 -1.23 2.23
CA CYS A 3 6.15 -0.12 2.85
C CYS A 3 6.19 1.12 1.95
N LEU A 4 5.26 1.20 1.01
CA LEU A 4 5.21 2.34 0.09
C LEU A 4 4.23 3.40 0.60
N LEU A 5 4.70 4.63 0.71
CA LEU A 5 3.86 5.73 1.20
C LEU A 5 2.59 5.88 0.36
N CYS A 6 1.45 5.87 1.02
CA CYS A 6 0.16 6.01 0.34
C CYS A 6 -0.79 6.85 1.20
N GLN A 7 -1.90 7.29 0.59
CA GLN A 7 -2.88 8.10 1.29
C GLN A 7 -4.11 7.29 1.64
N THR A 8 -4.67 6.61 0.64
CA THR A 8 -5.86 5.79 0.84
C THR A 8 -5.49 4.31 0.96
N SER A 9 -6.50 3.48 1.17
CA SER A 9 -6.30 2.04 1.32
C SER A 9 -5.66 1.45 0.06
N ARG A 10 -5.73 2.17 -1.04
CA ARG A 10 -5.16 1.70 -2.31
C ARG A 10 -4.83 2.87 -3.24
N ASP A 11 -3.95 3.75 -2.80
CA ASP A 11 -3.55 4.90 -3.60
C ASP A 11 -2.23 4.62 -4.32
N CYS A 12 -1.99 3.34 -4.59
CA CYS A 12 -0.76 2.91 -5.26
C CYS A 12 -1.07 2.28 -6.61
N ASN A 13 -2.23 1.64 -6.71
CA ASN A 13 -2.67 1.00 -7.95
C ASN A 13 -1.74 -0.15 -8.33
N TYR A 14 -1.03 -0.69 -7.36
CA TYR A 14 -0.12 -1.80 -7.61
C TYR A 14 -0.83 -3.14 -7.45
N ILE A 15 -0.27 -4.18 -8.06
CA ILE A 15 -0.86 -5.52 -7.98
C ILE A 15 -0.30 -6.27 -6.78
N ILE A 16 0.99 -6.12 -6.54
CA ILE A 16 1.65 -6.78 -5.42
C ILE A 16 1.63 -5.89 -4.17
N TRP A 17 0.92 -4.77 -4.25
CA TRP A 17 0.82 -3.84 -3.13
C TRP A 17 -0.54 -3.14 -3.13
N THR A 18 -1.53 -3.77 -2.50
CA THR A 18 -2.87 -3.21 -2.44
C THR A 18 -3.32 -2.97 -0.99
N VAL A 19 -2.63 -3.59 -0.05
CA VAL A 19 -2.97 -3.43 1.36
C VAL A 19 -2.19 -2.28 1.97
N CYS A 20 -2.86 -1.14 2.12
CA CYS A 20 -2.21 0.04 2.66
C CYS A 20 -2.31 0.08 4.19
N ARG A 21 -1.15 0.20 4.84
CA ARG A 21 -1.10 0.28 6.28
C ARG A 21 -1.03 1.74 6.69
N ASP A 22 -0.52 2.01 7.89
CA ASP A 22 -0.41 3.39 8.36
C ASP A 22 0.34 4.24 7.33
N GLY A 23 -0.42 4.81 6.39
CA GLY A 23 0.18 5.63 5.36
C GLY A 23 1.19 4.85 4.52
N CYS A 24 1.07 3.53 4.53
CA CYS A 24 1.98 2.67 3.78
C CYS A 24 1.25 1.76 2.81
N CYS A 25 1.99 1.17 1.88
CA CYS A 25 1.43 0.26 0.89
C CYS A 25 2.15 -1.09 0.94
N ASN A 26 1.38 -2.17 0.99
CA ASN A 26 1.95 -3.50 1.04
C ASN A 26 1.00 -4.54 0.44
N ILE A 27 1.47 -5.78 0.35
CA ILE A 27 0.67 -6.86 -0.19
C ILE A 27 -0.30 -7.42 0.85
N SER A 28 0.14 -7.43 2.10
CA SER A 28 -0.69 -7.93 3.19
C SER A 28 0.03 -7.79 4.53
N GLN A 1 7.71 -7.99 3.26
CA GLN A 1 6.68 -6.92 3.23
C GLN A 1 7.30 -5.58 2.83
N LEU A 2 6.51 -4.74 2.17
CA LEU A 2 6.97 -3.43 1.73
C LEU A 2 6.33 -2.32 2.56
N CYS A 3 6.58 -1.08 2.16
CA CYS A 3 6.03 0.07 2.87
C CYS A 3 6.03 1.30 1.96
N LEU A 4 5.31 1.21 0.85
CA LEU A 4 5.23 2.33 -0.10
C LEU A 4 4.22 3.36 0.39
N LEU A 5 4.70 4.57 0.66
CA LEU A 5 3.84 5.65 1.14
C LEU A 5 2.57 5.77 0.30
N CYS A 6 1.42 5.78 0.99
CA CYS A 6 0.14 5.89 0.30
C CYS A 6 -0.84 6.73 1.13
N GLN A 7 -2.00 7.03 0.55
CA GLN A 7 -3.01 7.83 1.23
C GLN A 7 -4.21 6.98 1.60
N THR A 8 -4.94 6.51 0.60
CA THR A 8 -6.12 5.69 0.83
C THR A 8 -5.74 4.22 0.98
N SER A 9 -6.74 3.37 1.15
CA SER A 9 -6.51 1.93 1.31
C SER A 9 -5.81 1.34 0.09
N ARG A 10 -5.90 2.06 -1.04
CA ARG A 10 -5.27 1.59 -2.27
C ARG A 10 -4.86 2.76 -3.17
N ASP A 11 -3.95 3.58 -2.65
CA ASP A 11 -3.47 4.74 -3.40
C ASP A 11 -2.11 4.43 -4.04
N CYS A 12 -1.93 3.16 -4.40
CA CYS A 12 -0.69 2.71 -5.01
C CYS A 12 -0.91 2.26 -6.45
N ASN A 13 -2.08 1.65 -6.70
CA ASN A 13 -2.43 1.16 -8.03
C ASN A 13 -1.53 0.01 -8.45
N TYR A 14 -0.85 -0.61 -7.49
CA TYR A 14 0.03 -1.73 -7.77
C TYR A 14 -0.73 -3.05 -7.69
N ILE A 15 -0.12 -4.11 -8.22
CA ILE A 15 -0.74 -5.43 -8.20
C ILE A 15 -0.34 -6.20 -6.95
N ILE A 16 0.95 -6.19 -6.65
CA ILE A 16 1.47 -6.89 -5.47
C ILE A 16 1.47 -5.99 -4.24
N TRP A 17 0.81 -4.84 -4.34
CA TRP A 17 0.75 -3.88 -3.23
C TRP A 17 -0.59 -3.16 -3.21
N THR A 18 -1.58 -3.76 -2.57
CA THR A 18 -2.91 -3.16 -2.49
C THR A 18 -3.35 -2.93 -1.04
N VAL A 19 -2.62 -3.53 -0.10
CA VAL A 19 -2.94 -3.38 1.32
C VAL A 19 -2.20 -2.18 1.91
N CYS A 20 -2.93 -1.09 2.13
CA CYS A 20 -2.33 0.12 2.69
C CYS A 20 -2.38 0.13 4.21
N ARG A 21 -1.21 0.32 4.82
CA ARG A 21 -1.11 0.37 6.26
C ARG A 21 -0.92 1.82 6.69
N ASP A 22 -0.41 2.03 7.90
CA ASP A 22 -0.20 3.39 8.42
C ASP A 22 0.56 4.24 7.39
N GLY A 23 -0.20 4.88 6.50
CA GLY A 23 0.40 5.72 5.48
C GLY A 23 1.34 4.96 4.57
N CYS A 24 1.26 3.64 4.59
CA CYS A 24 2.12 2.80 3.76
C CYS A 24 1.30 1.86 2.88
N CYS A 25 1.95 1.27 1.88
CA CYS A 25 1.30 0.36 0.96
C CYS A 25 2.11 -0.92 0.79
N ASN A 26 1.47 -2.07 0.99
CA ASN A 26 2.14 -3.35 0.85
C ASN A 26 1.15 -4.45 0.49
N ILE A 27 1.64 -5.68 0.39
CA ILE A 27 0.79 -6.81 0.05
C ILE A 27 0.03 -7.32 1.28
N SER A 28 0.67 -7.24 2.43
CA SER A 28 0.06 -7.69 3.68
C SER A 28 -0.49 -6.51 4.48
N GLN A 1 7.35 -7.39 4.50
CA GLN A 1 6.78 -6.82 3.25
C GLN A 1 7.33 -5.42 2.98
N LEU A 2 6.84 -4.78 1.93
CA LEU A 2 7.28 -3.44 1.56
C LEU A 2 6.13 -2.44 1.65
N CYS A 3 6.29 -1.45 2.52
CA CYS A 3 5.27 -0.42 2.70
C CYS A 3 5.68 0.87 2.01
N LEU A 4 5.15 1.09 0.81
CA LEU A 4 5.47 2.30 0.06
C LEU A 4 4.64 3.47 0.57
N LEU A 5 4.69 4.60 -0.14
CA LEU A 5 3.94 5.78 0.26
C LEU A 5 2.47 5.65 -0.12
N CYS A 6 1.59 5.80 0.85
CA CYS A 6 0.15 5.69 0.62
C CYS A 6 -0.63 6.64 1.50
N GLN A 7 -1.85 6.98 1.07
CA GLN A 7 -2.71 7.89 1.82
C GLN A 7 -4.05 7.23 2.17
N THR A 8 -4.55 6.40 1.26
CA THR A 8 -5.82 5.71 1.48
C THR A 8 -5.60 4.20 1.61
N SER A 9 -6.66 3.42 1.35
CA SER A 9 -6.58 1.98 1.45
C SER A 9 -5.85 1.38 0.23
N ARG A 10 -5.92 2.08 -0.89
CA ARG A 10 -5.27 1.62 -2.11
C ARG A 10 -4.91 2.79 -3.02
N ASP A 11 -3.97 3.61 -2.56
CA ASP A 11 -3.52 4.77 -3.32
C ASP A 11 -2.24 4.44 -4.07
N CYS A 12 -2.09 3.19 -4.48
CA CYS A 12 -0.91 2.73 -5.19
C CYS A 12 -1.29 2.12 -6.54
N ASN A 13 -2.35 1.33 -6.54
CA ASN A 13 -2.83 0.67 -7.75
C ASN A 13 -1.83 -0.37 -8.25
N TYR A 14 -1.01 -0.89 -7.33
CA TYR A 14 -0.01 -1.90 -7.69
C TYR A 14 -0.59 -3.30 -7.55
N ILE A 15 0.12 -4.29 -8.10
CA ILE A 15 -0.32 -5.67 -8.04
C ILE A 15 0.20 -6.36 -6.78
N ILE A 16 1.48 -6.18 -6.51
CA ILE A 16 2.10 -6.78 -5.32
C ILE A 16 2.01 -5.86 -4.10
N TRP A 17 1.28 -4.77 -4.24
CA TRP A 17 1.10 -3.81 -3.15
C TRP A 17 -0.23 -3.08 -3.27
N THR A 18 -1.26 -3.64 -2.65
CA THR A 18 -2.59 -3.06 -2.69
C THR A 18 -3.16 -2.80 -1.29
N VAL A 19 -2.57 -3.45 -0.28
CA VAL A 19 -3.02 -3.28 1.09
C VAL A 19 -2.26 -2.13 1.76
N CYS A 20 -2.91 -0.98 1.87
CA CYS A 20 -2.28 0.18 2.48
C CYS A 20 -2.41 0.16 3.99
N ARG A 21 -1.27 0.38 4.66
CA ARG A 21 -1.23 0.41 6.11
C ARG A 21 -0.92 1.83 6.58
N ASP A 22 -0.32 1.96 7.76
CA ASP A 22 0.03 3.28 8.30
C ASP A 22 0.65 4.18 7.24
N GLY A 23 -0.20 4.89 6.51
CA GLY A 23 0.27 5.80 5.47
C GLY A 23 1.19 5.12 4.46
N CYS A 24 1.11 3.80 4.35
CA CYS A 24 1.96 3.07 3.41
C CYS A 24 1.16 2.06 2.60
N CYS A 25 1.79 1.52 1.55
CA CYS A 25 1.16 0.54 0.68
C CYS A 25 1.94 -0.77 0.68
N ASN A 26 1.25 -1.87 0.99
CA ASN A 26 1.89 -3.18 1.03
C ASN A 26 1.01 -4.23 0.36
N ILE A 27 1.42 -5.49 0.47
CA ILE A 27 0.68 -6.59 -0.13
C ILE A 27 -0.37 -7.13 0.85
N SER A 28 -0.04 -7.13 2.14
CA SER A 28 -0.94 -7.61 3.17
C SER A 28 -0.33 -7.45 4.55
N GLN A 1 7.52 -7.64 3.61
CA GLN A 1 6.47 -6.59 3.68
C GLN A 1 7.03 -5.23 3.29
N LEU A 2 6.50 -4.65 2.22
CA LEU A 2 6.94 -3.35 1.76
C LEU A 2 6.30 -2.23 2.58
N CYS A 3 6.57 -0.99 2.18
CA CYS A 3 6.03 0.17 2.89
C CYS A 3 6.05 1.40 2.00
N LEU A 4 5.30 1.35 0.91
CA LEU A 4 5.24 2.47 -0.03
C LEU A 4 4.30 3.55 0.47
N LEU A 5 4.74 4.80 0.42
CA LEU A 5 3.92 5.93 0.89
C LEU A 5 2.50 5.84 0.36
N CYS A 6 1.53 5.78 1.28
CA CYS A 6 0.13 5.69 0.89
C CYS A 6 -0.74 6.61 1.74
N GLN A 7 -1.91 6.98 1.20
CA GLN A 7 -2.83 7.87 1.91
C GLN A 7 -4.17 7.17 2.14
N THR A 8 -4.62 6.43 1.13
CA THR A 8 -5.89 5.71 1.22
C THR A 8 -5.66 4.22 1.44
N SER A 9 -6.63 3.40 1.04
CA SER A 9 -6.51 1.95 1.19
C SER A 9 -5.74 1.33 0.02
N ARG A 10 -5.78 2.01 -1.12
CA ARG A 10 -5.08 1.52 -2.31
C ARG A 10 -4.58 2.68 -3.17
N ASP A 11 -3.56 3.38 -2.68
CA ASP A 11 -2.98 4.50 -3.41
C ASP A 11 -1.74 4.07 -4.19
N CYS A 12 -1.68 2.78 -4.52
CA CYS A 12 -0.56 2.24 -5.28
C CYS A 12 -0.97 1.86 -6.69
N ASN A 13 -2.16 1.28 -6.81
CA ASN A 13 -2.69 0.85 -8.10
C ASN A 13 -1.95 -0.38 -8.63
N TYR A 14 -1.07 -0.95 -7.81
CA TYR A 14 -0.31 -2.13 -8.20
C TYR A 14 -1.06 -3.41 -7.84
N ILE A 15 -0.58 -4.53 -8.36
CA ILE A 15 -1.20 -5.83 -8.10
C ILE A 15 -0.58 -6.48 -6.87
N ILE A 16 0.73 -6.33 -6.73
CA ILE A 16 1.44 -6.91 -5.59
C ILE A 16 1.49 -5.94 -4.40
N TRP A 17 0.86 -4.77 -4.57
CA TRP A 17 0.85 -3.77 -3.51
C TRP A 17 -0.47 -3.01 -3.49
N THR A 18 -1.47 -3.57 -2.83
CA THR A 18 -2.78 -2.94 -2.74
C THR A 18 -3.24 -2.76 -1.29
N VAL A 19 -2.52 -3.38 -0.35
CA VAL A 19 -2.87 -3.27 1.06
C VAL A 19 -2.15 -2.09 1.71
N CYS A 20 -2.88 -1.00 1.92
CA CYS A 20 -2.31 0.19 2.52
C CYS A 20 -2.45 0.16 4.04
N ARG A 21 -1.34 0.36 4.73
CA ARG A 21 -1.32 0.37 6.18
C ARG A 21 -1.09 1.81 6.67
N ASP A 22 -0.64 1.96 7.91
CA ASP A 22 -0.38 3.27 8.47
C ASP A 22 0.43 4.14 7.52
N GLY A 23 -0.26 4.87 6.65
CA GLY A 23 0.40 5.73 5.70
C GLY A 23 1.37 4.98 4.80
N CYS A 24 1.22 3.66 4.72
CA CYS A 24 2.09 2.85 3.88
C CYS A 24 1.29 1.95 2.94
N CYS A 25 1.98 1.35 1.98
CA CYS A 25 1.34 0.47 1.00
C CYS A 25 2.18 -0.79 0.78
N ASN A 26 1.53 -1.95 0.86
CA ASN A 26 2.20 -3.22 0.68
C ASN A 26 1.19 -4.31 0.33
N ILE A 27 1.67 -5.55 0.20
CA ILE A 27 0.81 -6.68 -0.13
C ILE A 27 0.05 -7.18 1.10
N SER A 28 0.66 -7.02 2.26
CA SER A 28 0.05 -7.47 3.51
C SER A 28 -0.32 -6.27 4.39
N GLN A 1 7.16 -7.98 3.23
CA GLN A 1 6.28 -6.82 3.49
C GLN A 1 6.95 -5.50 3.07
N LEU A 2 6.22 -4.70 2.32
CA LEU A 2 6.75 -3.41 1.85
C LEU A 2 6.17 -2.26 2.66
N CYS A 3 6.45 -1.04 2.23
CA CYS A 3 5.96 0.15 2.92
C CYS A 3 5.99 1.37 2.00
N LEU A 4 5.25 1.28 0.89
CA LEU A 4 5.19 2.38 -0.07
C LEU A 4 4.24 3.47 0.41
N LEU A 5 4.73 4.70 0.48
CA LEU A 5 3.93 5.83 0.93
C LEU A 5 2.60 5.92 0.17
N CYS A 6 1.49 5.86 0.90
CA CYS A 6 0.17 5.94 0.30
C CYS A 6 -0.80 6.70 1.19
N GLN A 7 -1.95 7.06 0.64
CA GLN A 7 -2.96 7.80 1.40
C GLN A 7 -4.12 6.90 1.79
N THR A 8 -4.90 6.51 0.80
CA THR A 8 -6.06 5.65 1.04
C THR A 8 -5.65 4.18 1.17
N SER A 9 -6.63 3.30 1.27
CA SER A 9 -6.38 1.87 1.40
C SER A 9 -5.74 1.30 0.14
N ARG A 10 -5.79 2.07 -0.96
CA ARG A 10 -5.22 1.61 -2.22
C ARG A 10 -4.95 2.78 -3.15
N ASP A 11 -4.09 3.70 -2.72
CA ASP A 11 -3.73 4.86 -3.52
C ASP A 11 -2.39 4.64 -4.21
N CYS A 12 -2.08 3.37 -4.47
CA CYS A 12 -0.83 3.00 -5.12
C CYS A 12 -1.08 2.40 -6.49
N ASN A 13 -2.22 1.74 -6.64
CA ASN A 13 -2.60 1.11 -7.91
C ASN A 13 -1.60 0.03 -8.33
N TYR A 14 -0.97 -0.58 -7.33
CA TYR A 14 0.01 -1.64 -7.61
C TYR A 14 -0.66 -3.01 -7.65
N ILE A 15 0.06 -4.00 -8.16
CA ILE A 15 -0.46 -5.35 -8.25
C ILE A 15 -0.15 -6.16 -6.99
N ILE A 16 1.13 -6.20 -6.64
CA ILE A 16 1.57 -6.93 -5.45
C ILE A 16 1.57 -6.03 -4.22
N TRP A 17 0.86 -4.89 -4.30
CA TRP A 17 0.80 -3.95 -3.20
C TRP A 17 -0.56 -3.26 -3.17
N THR A 18 -1.52 -3.87 -2.49
CA THR A 18 -2.87 -3.31 -2.39
C THR A 18 -3.28 -3.06 -0.95
N VAL A 19 -2.53 -3.65 0.00
CA VAL A 19 -2.83 -3.47 1.41
C VAL A 19 -2.08 -2.28 1.97
N CYS A 20 -2.79 -1.17 2.13
CA CYS A 20 -2.18 0.05 2.65
C CYS A 20 -2.26 0.12 4.16
N ARG A 21 -1.12 0.32 4.80
CA ARG A 21 -1.04 0.44 6.24
C ARG A 21 -0.88 1.92 6.61
N ASP A 22 -0.37 2.19 7.80
CA ASP A 22 -0.17 3.57 8.25
C ASP A 22 0.58 4.38 7.18
N GLY A 23 -0.17 4.95 6.25
CA GLY A 23 0.44 5.73 5.18
C GLY A 23 1.42 4.93 4.37
N CYS A 24 1.29 3.60 4.40
CA CYS A 24 2.20 2.73 3.65
C CYS A 24 1.42 1.76 2.76
N CYS A 25 2.12 1.20 1.77
CA CYS A 25 1.53 0.25 0.84
C CYS A 25 2.28 -1.08 0.90
N ASN A 26 1.52 -2.18 0.90
CA ASN A 26 2.11 -3.52 0.96
C ASN A 26 1.13 -4.57 0.47
N ILE A 27 1.60 -5.81 0.35
CA ILE A 27 0.77 -6.91 -0.11
C ILE A 27 -0.11 -7.44 1.01
N SER A 28 0.40 -7.39 2.24
CA SER A 28 -0.33 -7.88 3.40
C SER A 28 -0.09 -6.98 4.61
N GLN A 1 7.73 -5.88 6.18
CA GLN A 1 7.21 -5.95 4.79
C GLN A 1 7.45 -4.65 4.04
N LEU A 2 7.06 -4.62 2.77
CA LEU A 2 7.23 -3.43 1.94
C LEU A 2 6.13 -2.41 2.23
N CYS A 3 6.55 -1.19 2.58
CA CYS A 3 5.59 -0.13 2.87
C CYS A 3 5.80 1.07 1.95
N LEU A 4 5.05 1.10 0.86
CA LEU A 4 5.14 2.19 -0.11
C LEU A 4 4.18 3.33 0.27
N LEU A 5 4.76 4.48 0.61
CA LEU A 5 3.98 5.65 1.01
C LEU A 5 2.69 5.79 0.20
N CYS A 6 1.55 5.77 0.90
CA CYS A 6 0.25 5.90 0.25
C CYS A 6 -0.67 6.77 1.08
N GLN A 7 -1.83 7.11 0.52
CA GLN A 7 -2.81 7.94 1.22
C GLN A 7 -4.01 7.13 1.68
N THR A 8 -4.79 6.66 0.72
CA THR A 8 -5.97 5.87 1.03
C THR A 8 -5.62 4.39 1.19
N SER A 9 -6.64 3.55 1.39
CA SER A 9 -6.44 2.13 1.56
C SER A 9 -5.79 1.50 0.33
N ARG A 10 -5.88 2.21 -0.81
CA ARG A 10 -5.29 1.71 -2.04
C ARG A 10 -5.04 2.85 -3.02
N ASP A 11 -4.12 3.74 -2.66
CA ASP A 11 -3.78 4.87 -3.51
C ASP A 11 -2.50 4.59 -4.30
N CYS A 12 -2.25 3.30 -4.54
CA CYS A 12 -1.07 2.89 -5.28
C CYS A 12 -1.46 2.19 -6.58
N ASN A 13 -2.60 1.51 -6.58
CA ASN A 13 -3.08 0.81 -7.76
C ASN A 13 -2.08 -0.24 -8.22
N TYR A 14 -1.28 -0.75 -7.29
CA TYR A 14 -0.28 -1.76 -7.61
C TYR A 14 -0.86 -3.16 -7.45
N ILE A 15 -0.25 -4.13 -8.12
CA ILE A 15 -0.70 -5.52 -8.03
C ILE A 15 -0.01 -6.26 -6.89
N ILE A 16 1.26 -5.93 -6.67
CA ILE A 16 2.02 -6.56 -5.60
C ILE A 16 1.88 -5.79 -4.29
N TRP A 17 1.19 -4.65 -4.33
CA TRP A 17 0.98 -3.83 -3.15
C TRP A 17 -0.35 -3.09 -3.24
N THR A 18 -1.41 -3.72 -2.75
CA THR A 18 -2.74 -3.13 -2.80
C THR A 18 -3.26 -2.81 -1.40
N VAL A 19 -2.69 -3.45 -0.38
CA VAL A 19 -3.11 -3.22 0.99
C VAL A 19 -2.29 -2.11 1.62
N CYS A 20 -2.95 -1.01 2.00
CA CYS A 20 -2.25 0.11 2.60
C CYS A 20 -2.18 -0.02 4.11
N ARG A 21 -0.98 0.11 4.64
CA ARG A 21 -0.75 0.04 6.08
C ARG A 21 -0.44 1.44 6.61
N ASP A 22 0.27 1.52 7.72
CA ASP A 22 0.62 2.81 8.30
C ASP A 22 1.14 3.78 7.25
N GLY A 23 0.22 4.50 6.62
CA GLY A 23 0.58 5.46 5.59
C GLY A 23 1.43 4.86 4.50
N CYS A 24 1.36 3.54 4.33
CA CYS A 24 2.15 2.87 3.29
C CYS A 24 1.32 1.83 2.54
N CYS A 25 1.95 1.24 1.52
CA CYS A 25 1.31 0.21 0.69
C CYS A 25 2.01 -1.13 0.87
N ASN A 26 1.25 -2.21 0.73
CA ASN A 26 1.80 -3.55 0.87
C ASN A 26 0.90 -4.58 0.19
N ILE A 27 1.38 -5.82 0.14
CA ILE A 27 0.61 -6.90 -0.48
C ILE A 27 -0.46 -7.43 0.47
N SER A 28 -0.17 -7.39 1.76
CA SER A 28 -1.11 -7.88 2.77
C SER A 28 -0.58 -7.61 4.18
N GLN A 1 7.11 -7.52 5.23
CA GLN A 1 6.18 -6.46 4.78
C GLN A 1 6.93 -5.27 4.18
N LEU A 2 6.31 -4.61 3.21
CA LEU A 2 6.92 -3.46 2.56
C LEU A 2 6.34 -2.16 3.10
N CYS A 3 6.61 -1.05 2.42
CA CYS A 3 6.11 0.25 2.85
C CYS A 3 6.12 1.24 1.70
N LEU A 4 5.15 1.10 0.80
CA LEU A 4 5.04 2.01 -0.35
C LEU A 4 4.12 3.18 -0.01
N LEU A 5 4.71 4.34 0.25
CA LEU A 5 3.98 5.55 0.59
C LEU A 5 2.62 5.63 -0.11
N CYS A 6 1.56 5.70 0.68
CA CYS A 6 0.19 5.79 0.16
C CYS A 6 -0.68 6.63 1.08
N GLN A 7 -1.90 6.91 0.63
CA GLN A 7 -2.84 7.70 1.42
C GLN A 7 -4.04 6.87 1.85
N THR A 8 -4.86 6.50 0.88
CA THR A 8 -6.05 5.70 1.15
C THR A 8 -5.69 4.22 1.30
N SER A 9 -6.71 3.37 1.31
CA SER A 9 -6.50 1.93 1.45
C SER A 9 -5.86 1.33 0.21
N ARG A 10 -5.90 2.08 -0.89
CA ARG A 10 -5.31 1.61 -2.15
C ARG A 10 -5.03 2.76 -3.10
N ASP A 11 -4.30 3.77 -2.62
CA ASP A 11 -3.95 4.92 -3.45
C ASP A 11 -2.72 4.62 -4.30
N CYS A 12 -2.08 3.48 -4.02
CA CYS A 12 -0.89 3.07 -4.75
C CYS A 12 -1.28 2.44 -6.09
N ASN A 13 -2.41 1.74 -6.09
CA ASN A 13 -2.91 1.09 -7.30
C ASN A 13 -1.84 0.21 -7.95
N TYR A 14 -1.09 -0.51 -7.12
CA TYR A 14 -0.04 -1.39 -7.62
C TYR A 14 -0.59 -2.80 -7.86
N ILE A 15 0.29 -3.71 -8.26
CA ILE A 15 -0.11 -5.09 -8.53
C ILE A 15 0.00 -5.94 -7.26
N ILE A 16 1.22 -6.15 -6.80
CA ILE A 16 1.46 -6.95 -5.60
C ILE A 16 1.44 -6.09 -4.34
N TRP A 17 0.75 -4.95 -4.40
CA TRP A 17 0.67 -4.06 -3.25
C TRP A 17 -0.68 -3.35 -3.24
N THR A 18 -1.67 -3.97 -2.59
CA THR A 18 -3.01 -3.41 -2.51
C THR A 18 -3.41 -3.09 -1.07
N VAL A 19 -2.68 -3.66 -0.11
CA VAL A 19 -2.97 -3.42 1.30
C VAL A 19 -2.20 -2.22 1.83
N CYS A 20 -2.92 -1.13 2.10
CA CYS A 20 -2.27 0.09 2.59
C CYS A 20 -2.21 0.09 4.12
N ARG A 21 -1.00 0.29 4.64
CA ARG A 21 -0.78 0.36 6.06
C ARG A 21 -0.57 1.81 6.48
N ASP A 22 0.04 2.02 7.64
CA ASP A 22 0.29 3.38 8.13
C ASP A 22 0.96 4.23 7.06
N GLY A 23 0.14 4.90 6.25
CA GLY A 23 0.66 5.74 5.19
C GLY A 23 1.55 4.99 4.23
N CYS A 24 1.38 3.67 4.15
CA CYS A 24 2.19 2.84 3.26
C CYS A 24 1.31 1.86 2.47
N CYS A 25 1.90 1.26 1.45
CA CYS A 25 1.18 0.29 0.61
C CYS A 25 2.03 -0.97 0.42
N ASN A 26 1.41 -2.12 0.66
CA ASN A 26 2.10 -3.40 0.53
C ASN A 26 1.15 -4.50 0.08
N ILE A 27 1.64 -5.73 0.05
CA ILE A 27 0.82 -6.87 -0.37
C ILE A 27 -0.09 -7.34 0.75
N SER A 28 0.46 -7.43 1.96
CA SER A 28 -0.31 -7.88 3.12
C SER A 28 0.41 -7.51 4.41
N GLN A 1 7.57 -7.76 3.50
CA GLN A 1 6.53 -6.71 3.43
C GLN A 1 7.12 -5.37 2.97
N LEU A 2 6.32 -4.57 2.29
CA LEU A 2 6.76 -3.27 1.80
C LEU A 2 6.18 -2.15 2.64
N CYS A 3 6.46 -0.92 2.24
CA CYS A 3 5.95 0.26 2.96
C CYS A 3 5.98 1.49 2.06
N LEU A 4 5.23 1.44 0.97
CA LEU A 4 5.16 2.55 0.04
C LEU A 4 4.21 3.63 0.55
N LEU A 5 4.75 4.82 0.81
CA LEU A 5 3.95 5.93 1.32
C LEU A 5 2.65 6.08 0.52
N CYS A 6 1.52 5.88 1.19
CA CYS A 6 0.22 6.01 0.55
C CYS A 6 -0.74 6.83 1.41
N GLN A 7 -1.98 6.95 0.95
CA GLN A 7 -2.99 7.71 1.67
C GLN A 7 -4.24 6.87 1.89
N THR A 8 -4.90 6.50 0.80
CA THR A 8 -6.11 5.70 0.86
C THR A 8 -5.78 4.22 1.05
N SER A 9 -6.77 3.36 0.82
CA SER A 9 -6.56 1.93 0.96
C SER A 9 -5.70 1.37 -0.17
N ARG A 10 -5.73 2.05 -1.31
CA ARG A 10 -4.94 1.61 -2.47
C ARG A 10 -4.48 2.81 -3.29
N ASP A 11 -3.47 3.52 -2.79
CA ASP A 11 -2.93 4.68 -3.48
C ASP A 11 -1.88 4.27 -4.50
N CYS A 12 -1.36 3.06 -4.38
CA CYS A 12 -0.35 2.55 -5.29
C CYS A 12 -0.99 2.06 -6.58
N ASN A 13 -2.10 1.34 -6.44
CA ASN A 13 -2.83 0.80 -7.59
C ASN A 13 -2.06 -0.34 -8.24
N TYR A 14 -1.16 -0.97 -7.49
CA TYR A 14 -0.38 -2.08 -8.02
C TYR A 14 -1.09 -3.40 -7.77
N ILE A 15 -0.51 -4.49 -8.28
CA ILE A 15 -1.08 -5.82 -8.10
C ILE A 15 -0.55 -6.48 -6.83
N ILE A 16 0.77 -6.38 -6.64
CA ILE A 16 1.39 -6.96 -5.46
C ILE A 16 1.46 -5.96 -4.30
N TRP A 17 0.74 -4.84 -4.45
CA TRP A 17 0.73 -3.81 -3.41
C TRP A 17 -0.62 -3.09 -3.38
N THR A 18 -1.57 -3.64 -2.65
CA THR A 18 -2.90 -3.04 -2.55
C THR A 18 -3.32 -2.82 -1.09
N VAL A 19 -2.59 -3.41 -0.15
CA VAL A 19 -2.90 -3.26 1.26
C VAL A 19 -2.19 -2.05 1.86
N CYS A 20 -2.93 -0.98 2.09
CA CYS A 20 -2.35 0.23 2.67
C CYS A 20 -2.37 0.20 4.18
N ARG A 21 -1.20 0.35 4.79
CA ARG A 21 -1.08 0.38 6.23
C ARG A 21 -0.90 1.81 6.70
N ASP A 22 -0.39 1.99 7.91
CA ASP A 22 -0.16 3.32 8.46
C ASP A 22 0.61 4.20 7.48
N GLY A 23 -0.13 4.89 6.60
CA GLY A 23 0.49 5.76 5.63
C GLY A 23 1.43 5.01 4.70
N CYS A 24 1.28 3.69 4.63
CA CYS A 24 2.13 2.87 3.77
C CYS A 24 1.29 1.97 2.87
N CYS A 25 1.93 1.43 1.83
CA CYS A 25 1.24 0.54 0.89
C CYS A 25 2.07 -0.71 0.65
N ASN A 26 1.47 -1.88 0.89
CA ASN A 26 2.16 -3.14 0.70
C ASN A 26 1.17 -4.26 0.38
N ILE A 27 1.68 -5.49 0.26
CA ILE A 27 0.85 -6.65 -0.03
C ILE A 27 0.13 -7.15 1.21
N SER A 28 0.83 -7.10 2.35
CA SER A 28 0.26 -7.54 3.61
C SER A 28 -0.18 -9.01 3.53
N GLN A 1 8.34 -7.38 4.40
CA GLN A 1 7.12 -6.56 4.16
C GLN A 1 7.47 -5.22 3.53
N LEU A 2 6.99 -4.99 2.31
CA LEU A 2 7.25 -3.75 1.59
C LEU A 2 6.34 -2.62 2.10
N CYS A 3 6.91 -1.45 2.30
CA CYS A 3 6.15 -0.30 2.77
C CYS A 3 6.31 0.88 1.82
N LEU A 4 5.37 1.03 0.90
CA LEU A 4 5.42 2.13 -0.07
C LEU A 4 4.48 3.26 0.35
N LEU A 5 4.92 4.49 0.17
CA LEU A 5 4.13 5.66 0.53
C LEU A 5 2.71 5.56 -0.01
N CYS A 6 1.73 5.62 0.90
CA CYS A 6 0.32 5.54 0.52
C CYS A 6 -0.49 6.61 1.25
N GLN A 7 -1.68 6.91 0.72
CA GLN A 7 -2.55 7.92 1.32
C GLN A 7 -3.86 7.30 1.79
N THR A 8 -4.38 6.36 1.02
CA THR A 8 -5.65 5.70 1.36
C THR A 8 -5.48 4.19 1.43
N SER A 9 -6.60 3.47 1.42
CA SER A 9 -6.58 2.01 1.48
C SER A 9 -5.89 1.41 0.25
N ARG A 10 -5.95 2.13 -0.86
CA ARG A 10 -5.33 1.66 -2.09
C ARG A 10 -5.02 2.82 -3.04
N ASP A 11 -4.24 3.78 -2.55
CA ASP A 11 -3.86 4.94 -3.36
C ASP A 11 -2.72 4.58 -4.29
N CYS A 12 -2.03 3.48 -4.00
CA CYS A 12 -0.91 3.02 -4.81
C CYS A 12 -1.42 2.29 -6.05
N ASN A 13 -2.48 1.50 -5.86
CA ASN A 13 -3.09 0.74 -6.95
C ASN A 13 -2.05 -0.14 -7.66
N TYR A 14 -1.18 -0.76 -6.89
CA TYR A 14 -0.15 -1.64 -7.46
C TYR A 14 -0.66 -3.08 -7.55
N ILE A 15 0.15 -3.95 -8.13
CA ILE A 15 -0.23 -5.35 -8.28
C ILE A 15 0.17 -6.16 -7.06
N ILE A 16 1.46 -6.09 -6.70
CA ILE A 16 1.97 -6.81 -5.54
C ILE A 16 1.87 -5.98 -4.25
N TRP A 17 1.10 -4.89 -4.32
CA TRP A 17 0.93 -4.02 -3.16
C TRP A 17 -0.38 -3.24 -3.26
N THR A 18 -1.43 -3.79 -2.68
CA THR A 18 -2.75 -3.15 -2.71
C THR A 18 -3.27 -2.85 -1.31
N VAL A 19 -2.70 -3.50 -0.30
CA VAL A 19 -3.12 -3.28 1.08
C VAL A 19 -2.31 -2.16 1.71
N CYS A 20 -2.93 -0.99 1.82
CA CYS A 20 -2.25 0.18 2.39
C CYS A 20 -2.45 0.26 3.90
N ARG A 21 -1.37 0.55 4.60
CA ARG A 21 -1.40 0.69 6.05
C ARG A 21 -1.24 2.16 6.43
N ASP A 22 -0.78 2.42 7.66
CA ASP A 22 -0.60 3.80 8.11
C ASP A 22 0.23 4.60 7.12
N GLY A 23 -0.43 5.18 6.13
CA GLY A 23 0.25 5.97 5.12
C GLY A 23 1.24 5.14 4.31
N CYS A 24 0.96 3.84 4.16
CA CYS A 24 1.83 2.96 3.41
C CYS A 24 1.04 2.02 2.49
N CYS A 25 1.76 1.33 1.62
CA CYS A 25 1.17 0.40 0.67
C CYS A 25 1.94 -0.91 0.66
N ASN A 26 1.24 -2.01 0.91
CA ASN A 26 1.88 -3.33 0.95
C ASN A 26 0.98 -4.41 0.38
N ILE A 27 1.45 -5.65 0.44
CA ILE A 27 0.68 -6.79 -0.06
C ILE A 27 -0.22 -7.37 1.03
N SER A 28 0.27 -7.34 2.26
CA SER A 28 -0.49 -7.87 3.39
C SER A 28 -0.76 -9.35 3.22
N GLN A 1 6.86 -7.99 3.36
CA GLN A 1 5.98 -6.79 3.44
C GLN A 1 6.74 -5.52 3.07
N LEU A 2 6.08 -4.63 2.34
CA LEU A 2 6.70 -3.37 1.92
C LEU A 2 6.14 -2.20 2.74
N CYS A 3 6.43 -0.99 2.29
CA CYS A 3 5.96 0.22 2.97
C CYS A 3 6.00 1.42 2.03
N LEU A 4 5.29 1.31 0.92
CA LEU A 4 5.24 2.40 -0.06
C LEU A 4 4.25 3.48 0.38
N LEU A 5 4.75 4.72 0.45
CA LEU A 5 3.91 5.84 0.87
C LEU A 5 2.59 5.88 0.09
N CYS A 6 1.49 5.83 0.81
CA CYS A 6 0.16 5.87 0.20
C CYS A 6 -0.81 6.68 1.06
N GLN A 7 -1.95 7.03 0.47
CA GLN A 7 -2.96 7.81 1.18
C GLN A 7 -4.14 6.93 1.59
N THR A 8 -4.92 6.51 0.61
CA THR A 8 -6.08 5.67 0.85
C THR A 8 -5.68 4.20 0.99
N SER A 9 -6.66 3.34 1.21
CA SER A 9 -6.41 1.91 1.35
C SER A 9 -5.75 1.33 0.10
N ARG A 10 -5.88 2.04 -1.02
CA ARG A 10 -5.30 1.58 -2.28
C ARG A 10 -5.04 2.75 -3.22
N ASP A 11 -4.19 3.68 -2.79
CA ASP A 11 -3.84 4.84 -3.61
C ASP A 11 -2.46 4.64 -4.24
N CYS A 12 -2.12 3.39 -4.50
CA CYS A 12 -0.83 3.05 -5.08
C CYS A 12 -0.99 2.47 -6.48
N ASN A 13 -2.15 1.88 -6.74
CA ASN A 13 -2.44 1.28 -8.04
C ASN A 13 -1.49 0.13 -8.36
N TYR A 14 -0.90 -0.46 -7.31
CA TYR A 14 0.02 -1.58 -7.49
C TYR A 14 -0.73 -2.91 -7.45
N ILE A 15 -0.14 -3.93 -8.05
CA ILE A 15 -0.74 -5.26 -8.07
C ILE A 15 -0.31 -6.08 -6.87
N ILE A 16 0.99 -6.04 -6.58
CA ILE A 16 1.53 -6.78 -5.43
C ILE A 16 1.53 -5.92 -4.17
N TRP A 17 0.84 -4.77 -4.24
CA TRP A 17 0.77 -3.87 -3.10
C TRP A 17 -0.59 -3.17 -3.06
N THR A 18 -1.55 -3.81 -2.41
CA THR A 18 -2.90 -3.26 -2.32
C THR A 18 -3.31 -3.02 -0.86
N VAL A 19 -2.55 -3.60 0.07
CA VAL A 19 -2.84 -3.45 1.49
C VAL A 19 -2.10 -2.24 2.05
N CYS A 20 -2.80 -1.12 2.16
CA CYS A 20 -2.21 0.10 2.67
C CYS A 20 -2.22 0.14 4.19
N ARG A 21 -1.04 0.35 4.77
CA ARG A 21 -0.90 0.44 6.21
C ARG A 21 -0.76 1.91 6.61
N ASP A 22 -0.22 2.18 7.78
CA ASP A 22 -0.03 3.54 8.25
C ASP A 22 0.68 4.38 7.18
N GLY A 23 -0.10 4.96 6.27
CA GLY A 23 0.47 5.77 5.21
C GLY A 23 1.44 4.98 4.35
N CYS A 24 1.34 3.65 4.38
CA CYS A 24 2.23 2.80 3.61
C CYS A 24 1.45 1.82 2.73
N CYS A 25 2.14 1.23 1.76
CA CYS A 25 1.53 0.28 0.84
C CYS A 25 2.28 -1.05 0.88
N ASN A 26 1.54 -2.15 0.99
CA ASN A 26 2.16 -3.48 1.03
C ASN A 26 1.16 -4.56 0.67
N ILE A 27 1.67 -5.78 0.49
CA ILE A 27 0.83 -6.92 0.13
C ILE A 27 0.12 -7.48 1.35
N SER A 28 0.83 -7.54 2.47
CA SER A 28 0.28 -8.06 3.70
C SER A 28 -0.22 -9.49 3.54
N GLN A 1 7.43 -8.20 2.40
CA GLN A 1 6.67 -7.04 2.94
C GLN A 1 7.31 -5.72 2.50
N LEU A 2 6.48 -4.73 2.20
CA LEU A 2 6.95 -3.43 1.76
C LEU A 2 6.31 -2.31 2.59
N CYS A 3 6.55 -1.07 2.18
CA CYS A 3 6.00 0.09 2.87
C CYS A 3 6.00 1.31 1.97
N LEU A 4 5.29 1.22 0.85
CA LEU A 4 5.21 2.31 -0.11
C LEU A 4 4.19 3.36 0.37
N LEU A 5 4.69 4.55 0.67
CA LEU A 5 3.83 5.64 1.14
C LEU A 5 2.55 5.76 0.31
N CYS A 6 1.41 5.79 1.00
CA CYS A 6 0.12 5.91 0.33
C CYS A 6 -0.85 6.74 1.16
N GLN A 7 -2.00 7.06 0.58
CA GLN A 7 -3.01 7.85 1.27
C GLN A 7 -4.22 7.00 1.64
N THR A 8 -4.95 6.55 0.63
CA THR A 8 -6.13 5.72 0.85
C THR A 8 -5.73 4.26 1.00
N SER A 9 -6.74 3.40 1.15
CA SER A 9 -6.51 1.97 1.31
C SER A 9 -5.82 1.37 0.08
N ARG A 10 -5.89 2.09 -1.04
CA ARG A 10 -5.27 1.60 -2.27
C ARG A 10 -4.91 2.77 -3.20
N ASP A 11 -3.96 3.59 -2.76
CA ASP A 11 -3.51 4.72 -3.56
C ASP A 11 -2.15 4.44 -4.16
N CYS A 12 -1.90 3.18 -4.48
CA CYS A 12 -0.63 2.76 -5.06
C CYS A 12 -0.83 2.25 -6.49
N ASN A 13 -2.01 1.70 -6.76
CA ASN A 13 -2.31 1.17 -8.09
C ASN A 13 -1.40 0.00 -8.44
N TYR A 14 -0.78 -0.60 -7.44
CA TYR A 14 0.13 -1.72 -7.64
C TYR A 14 -0.64 -3.04 -7.58
N ILE A 15 -0.03 -4.09 -8.12
CA ILE A 15 -0.65 -5.42 -8.11
C ILE A 15 -0.26 -6.20 -6.87
N ILE A 16 1.03 -6.19 -6.54
CA ILE A 16 1.53 -6.89 -5.37
C ILE A 16 1.51 -6.00 -4.13
N TRP A 17 0.85 -4.84 -4.23
CA TRP A 17 0.77 -3.90 -3.12
C TRP A 17 -0.57 -3.18 -3.12
N THR A 18 -1.57 -3.79 -2.51
CA THR A 18 -2.91 -3.20 -2.45
C THR A 18 -3.35 -2.95 -1.01
N VAL A 19 -2.64 -3.54 -0.06
CA VAL A 19 -2.98 -3.37 1.35
C VAL A 19 -2.24 -2.17 1.95
N CYS A 20 -2.96 -1.07 2.13
CA CYS A 20 -2.36 0.13 2.69
C CYS A 20 -2.42 0.16 4.21
N ARG A 21 -1.25 0.33 4.82
CA ARG A 21 -1.15 0.40 6.27
C ARG A 21 -0.96 1.84 6.69
N ASP A 22 -0.45 2.06 7.90
CA ASP A 22 -0.23 3.41 8.40
C ASP A 22 0.53 4.27 7.38
N GLY A 23 -0.22 4.91 6.49
CA GLY A 23 0.38 5.74 5.47
C GLY A 23 1.32 4.97 4.56
N CYS A 24 1.21 3.65 4.57
CA CYS A 24 2.08 2.81 3.74
C CYS A 24 1.25 1.88 2.86
N CYS A 25 1.91 1.30 1.86
CA CYS A 25 1.24 0.38 0.94
C CYS A 25 2.06 -0.90 0.78
N ASN A 26 1.41 -2.04 1.00
CA ASN A 26 2.08 -3.33 0.89
C ASN A 26 1.09 -4.42 0.50
N ILE A 27 1.58 -5.66 0.43
CA ILE A 27 0.73 -6.79 0.07
C ILE A 27 -0.09 -7.26 1.25
N SER A 28 0.47 -7.15 2.45
CA SER A 28 -0.22 -7.56 3.66
C SER A 28 0.61 -7.24 4.90
N GLN A 1 7.11 -8.04 3.14
CA GLN A 1 6.35 -6.85 3.61
C GLN A 1 7.02 -5.55 3.16
N LEU A 2 6.27 -4.74 2.43
CA LEU A 2 6.79 -3.47 1.93
C LEU A 2 6.21 -2.29 2.72
N CYS A 3 6.50 -1.08 2.26
CA CYS A 3 6.01 0.12 2.93
C CYS A 3 6.06 1.32 1.97
N LEU A 4 5.23 1.29 0.94
CA LEU A 4 5.19 2.38 -0.03
C LEU A 4 4.25 3.49 0.44
N LEU A 5 4.74 4.71 0.49
CA LEU A 5 3.94 5.85 0.92
C LEU A 5 2.63 5.95 0.15
N CYS A 6 1.51 5.88 0.87
CA CYS A 6 0.19 5.97 0.24
C CYS A 6 -0.77 6.77 1.12
N GLN A 7 -1.93 7.09 0.58
CA GLN A 7 -2.94 7.86 1.31
C GLN A 7 -4.11 6.98 1.70
N THR A 8 -4.89 6.57 0.72
CA THR A 8 -6.06 5.73 0.96
C THR A 8 -5.67 4.27 1.10
N SER A 9 -6.67 3.40 1.28
CA SER A 9 -6.44 1.98 1.43
C SER A 9 -5.77 1.38 0.19
N ARG A 10 -5.84 2.10 -0.92
CA ARG A 10 -5.24 1.62 -2.17
C ARG A 10 -4.96 2.78 -3.13
N ASP A 11 -4.06 3.68 -2.72
CA ASP A 11 -3.69 4.82 -3.55
C ASP A 11 -2.39 4.53 -4.30
N CYS A 12 -2.11 3.25 -4.51
CA CYS A 12 -0.90 2.83 -5.21
C CYS A 12 -1.25 2.14 -6.53
N ASN A 13 -2.45 1.56 -6.60
CA ASN A 13 -2.90 0.88 -7.81
C ASN A 13 -1.93 -0.22 -8.23
N TYR A 14 -1.13 -0.71 -7.28
CA TYR A 14 -0.17 -1.76 -7.56
C TYR A 14 -0.79 -3.13 -7.36
N ILE A 15 -0.21 -4.14 -8.01
CA ILE A 15 -0.71 -5.51 -7.90
C ILE A 15 -0.07 -6.23 -6.72
N ILE A 16 1.25 -6.05 -6.57
CA ILE A 16 1.98 -6.67 -5.47
C ILE A 16 1.91 -5.82 -4.20
N TRP A 17 1.17 -4.72 -4.27
CA TRP A 17 1.02 -3.82 -3.12
C TRP A 17 -0.32 -3.10 -3.18
N THR A 18 -1.32 -3.71 -2.56
CA THR A 18 -2.66 -3.13 -2.53
C THR A 18 -3.14 -2.86 -1.11
N VAL A 19 -2.50 -3.50 -0.14
CA VAL A 19 -2.87 -3.31 1.26
C VAL A 19 -2.12 -2.14 1.86
N CYS A 20 -2.83 -1.04 2.08
CA CYS A 20 -2.22 0.16 2.64
C CYS A 20 -2.25 0.16 4.16
N ARG A 21 -1.08 0.33 4.76
CA ARG A 21 -0.96 0.39 6.21
C ARG A 21 -0.80 1.85 6.64
N ASP A 22 -0.26 2.08 7.81
CA ASP A 22 -0.07 3.44 8.31
C ASP A 22 0.64 4.30 7.26
N GLY A 23 -0.15 4.90 6.37
CA GLY A 23 0.39 5.73 5.32
C GLY A 23 1.37 4.97 4.44
N CYS A 24 1.28 3.64 4.45
CA CYS A 24 2.17 2.80 3.65
C CYS A 24 1.39 1.84 2.77
N CYS A 25 2.10 1.24 1.81
CA CYS A 25 1.50 0.28 0.88
C CYS A 25 2.21 -1.06 0.97
N ASN A 26 1.44 -2.14 1.00
CA ASN A 26 2.01 -3.48 1.09
C ASN A 26 1.11 -4.51 0.44
N ILE A 27 1.62 -5.74 0.34
CA ILE A 27 0.86 -6.83 -0.28
C ILE A 27 -0.16 -7.41 0.70
N SER A 28 0.21 -7.41 1.98
CA SER A 28 -0.68 -7.93 3.02
C SER A 28 -0.06 -7.75 4.41
N GLN A 1 8.46 -7.75 3.32
CA GLN A 1 7.31 -6.87 2.99
C GLN A 1 7.77 -5.54 2.42
N LEU A 2 6.82 -4.71 1.98
CA LEU A 2 7.14 -3.41 1.40
C LEU A 2 6.25 -2.33 1.98
N CYS A 3 6.87 -1.24 2.43
CA CYS A 3 6.13 -0.12 3.01
C CYS A 3 6.28 1.12 2.15
N LEU A 4 5.37 1.31 1.19
CA LEU A 4 5.42 2.46 0.30
C LEU A 4 4.44 3.53 0.76
N LEU A 5 4.87 4.79 0.70
CA LEU A 5 4.02 5.91 1.11
C LEU A 5 2.62 5.81 0.49
N CYS A 6 1.61 5.79 1.35
CA CYS A 6 0.22 5.70 0.89
C CYS A 6 -0.66 6.71 1.63
N GLN A 7 -1.80 7.03 1.03
CA GLN A 7 -2.73 7.99 1.61
C GLN A 7 -4.07 7.33 1.92
N THR A 8 -4.50 6.43 1.03
CA THR A 8 -5.78 5.74 1.20
C THR A 8 -5.55 4.24 1.38
N SER A 9 -6.62 3.46 1.17
CA SER A 9 -6.54 2.00 1.32
C SER A 9 -5.84 1.37 0.12
N ARG A 10 -5.91 2.04 -1.03
CA ARG A 10 -5.28 1.54 -2.25
C ARG A 10 -4.80 2.69 -3.12
N ASP A 11 -3.80 3.42 -2.63
CA ASP A 11 -3.23 4.55 -3.38
C ASP A 11 -1.96 4.13 -4.09
N CYS A 12 -1.91 2.87 -4.51
CA CYS A 12 -0.74 2.33 -5.20
C CYS A 12 -1.10 1.85 -6.60
N ASN A 13 -2.28 1.25 -6.73
CA ASN A 13 -2.76 0.74 -8.00
C ASN A 13 -1.88 -0.40 -8.51
N TYR A 14 -1.07 -0.96 -7.63
CA TYR A 14 -0.18 -2.07 -7.98
C TYR A 14 -0.87 -3.41 -7.77
N ILE A 15 -0.26 -4.48 -8.27
CA ILE A 15 -0.81 -5.82 -8.11
C ILE A 15 -0.32 -6.47 -6.84
N ILE A 16 0.99 -6.40 -6.61
CA ILE A 16 1.60 -6.98 -5.42
C ILE A 16 1.65 -5.98 -4.26
N TRP A 17 0.96 -4.85 -4.43
CA TRP A 17 0.94 -3.82 -3.40
C TRP A 17 -0.38 -3.05 -3.44
N THR A 18 -1.38 -3.58 -2.75
CA THR A 18 -2.71 -2.94 -2.71
C THR A 18 -3.20 -2.73 -1.28
N VAL A 19 -2.55 -3.36 -0.32
CA VAL A 19 -2.93 -3.24 1.09
C VAL A 19 -2.19 -2.08 1.74
N CYS A 20 -2.87 -0.94 1.88
CA CYS A 20 -2.27 0.24 2.47
C CYS A 20 -2.49 0.27 3.98
N ARG A 21 -1.40 0.50 4.72
CA ARG A 21 -1.46 0.57 6.17
C ARG A 21 -1.32 2.03 6.61
N ASP A 22 -0.90 2.24 7.86
CA ASP A 22 -0.74 3.59 8.38
C ASP A 22 0.13 4.44 7.44
N GLY A 23 -0.51 5.08 6.48
CA GLY A 23 0.22 5.90 5.53
C GLY A 23 1.24 5.11 4.73
N CYS A 24 0.98 3.82 4.56
CA CYS A 24 1.89 2.96 3.81
C CYS A 24 1.13 2.06 2.84
N CYS A 25 1.88 1.36 1.99
CA CYS A 25 1.30 0.45 1.00
C CYS A 25 2.08 -0.85 0.98
N ASN A 26 1.35 -1.97 0.96
CA ASN A 26 1.96 -3.29 0.95
C ASN A 26 1.03 -4.32 0.33
N ILE A 27 1.43 -5.59 0.40
CA ILE A 27 0.64 -6.68 -0.16
C ILE A 27 -0.34 -7.22 0.88
N SER A 28 0.06 -7.17 2.15
CA SER A 28 -0.79 -7.66 3.23
C SER A 28 -0.28 -7.15 4.58
#